data_6XZJ
#
_entry.id   6XZJ
#
_cell.length_a   66.200
_cell.length_b   66.200
_cell.length_c   254.220
_cell.angle_alpha   90.000
_cell.angle_beta   90.000
_cell.angle_gamma   120.000
#
_symmetry.space_group_name_H-M   'P 65 2 2'
#
loop_
_entity.id
_entity.type
_entity.pdbx_description
1 polymer 'Vitamin D3 receptor A'
2 polymer ARG-HIS-LYS-ILE-LEU-URR-UIL-URL-GLN
3 non-polymer 5-{2-[1-(5-HYDROXY-1,5-DIMETHYL-HEXYL)-7A-METHYL-OCTAHYDRO-INDEN-4-YLIDENE]-ETHYLIDENE}-4-METHYLENE-CYCLOHEXANE-1,3-DIOL
4 non-polymer 'ACETATE ION'
5 water water
#
loop_
_entity_poly.entity_id
_entity_poly.type
_entity_poly.pdbx_seq_one_letter_code
_entity_poly.pdbx_strand_id
1 'polypeptide(L)'
;GSHMLSDEQMQIINSLVEAHHKTYDDSYSDFVRFRPPVREGPVTRSASRAASLHSLSDASSDSFNHSPESVDTKLNFSNL
LMMYQDSGSPDSSEEDQQSRLSMLPHLADLVSYSIQKVIGFAKMIPGFRDLTAEDQIALLKSSAIEIIMLRSNQSFSLED
MSWSCGGPDFKYCINDVTKAGHTLELLEPLVKFQVGLKKLKLHEEEHVLLMAICLLSPDRPGVQDHVRIEALQDRLCDVL
QAYIRIQHPGGRLLYAKMIQKLADLRSLNEEHSKQYRSLSFQPEHSMQLTPLVLEVFGSEVS
;
A
2 'polypeptide(L)' RHKIL(OUR)(UIL)(URL)Q B
#
loop_
_chem_comp.id
_chem_comp.type
_chem_comp.name
_chem_comp.formula
ACT non-polymer 'ACETATE ION' 'C2 H3 O2 -1'
OUR non-polymer [azanyl-[[(4~{S})-4-azanyl-5-(carboxyamino)pentyl]amino]methylidene]azanium 'C7 H18 N5 O2 1'
UIL non-polymer '[(2~{R})-1-azanyl-4-methyl-pentan-2-yl]carbamic acid' 'C7 H16 N2 O2'
URL non-polymer '[(2~{S})-2-azanyl-4-methyl-pentyl]carbamic acid' 'C7 H16 N2 O2'
VDX non-polymer 5-{2-[1-(5-HYDROXY-1,5-DIMETHYL-HEXYL)-7A-METHYL-OCTAHYDRO-INDEN-4-YLIDENE]-ETHYLIDENE}-4-METHYLENE-CYCLOHEXANE-1,3-DIOL 'C27 H44 O3'
#
# COMPACT_ATOMS: atom_id res chain seq x y z
N HIS A 3 -25.11 3.47 15.15
CA HIS A 3 -24.32 4.35 16.01
C HIS A 3 -23.65 3.59 17.14
N MET A 4 -23.53 2.28 16.95
CA MET A 4 -22.78 1.43 17.86
C MET A 4 -22.24 0.24 17.08
N LEU A 5 -21.04 -0.20 17.45
CA LEU A 5 -20.37 -1.28 16.75
C LEU A 5 -20.76 -2.63 17.35
N SER A 6 -21.18 -3.55 16.49
CA SER A 6 -21.46 -4.90 16.96
C SER A 6 -20.17 -5.60 17.37
N ASP A 7 -20.31 -6.78 17.97
CA ASP A 7 -19.15 -7.52 18.44
C ASP A 7 -18.26 -7.95 17.27
N GLU A 8 -18.87 -8.35 16.15
CA GLU A 8 -18.09 -8.78 15.00
C GLU A 8 -17.49 -7.61 14.24
N GLN A 9 -18.16 -6.45 14.23
CA GLN A 9 -17.55 -5.25 13.69
C GLN A 9 -16.31 -4.86 14.48
N MET A 10 -16.39 -4.94 15.81
CA MET A 10 -15.24 -4.65 16.65
C MET A 10 -14.15 -5.70 16.47
N GLN A 11 -14.54 -6.97 16.27
CA GLN A 11 -13.56 -8.03 16.04
C GLN A 11 -12.82 -7.82 14.72
N ILE A 12 -13.50 -7.32 13.70
CA ILE A 12 -12.84 -7.00 12.44
C ILE A 12 -11.81 -5.89 12.65
N ILE A 13 -12.17 -4.87 13.44
CA ILE A 13 -11.24 -3.79 13.74
C ILE A 13 -10.03 -4.33 14.51
N ASN A 14 -10.29 -5.13 15.55
CA ASN A 14 -9.22 -5.68 16.36
C ASN A 14 -8.25 -6.51 15.52
N SER A 15 -8.79 -7.37 14.66
CA SER A 15 -7.92 -8.25 13.88
C SER A 15 -7.15 -7.49 12.81
N LEU A 16 -7.69 -6.36 12.33
CA LEU A 16 -6.98 -5.59 11.31
C LEU A 16 -5.84 -4.77 11.90
N VAL A 17 -6.03 -4.16 13.06
CA VAL A 17 -4.94 -3.40 13.67
C VAL A 17 -3.85 -4.34 14.17
N GLU A 18 -4.23 -5.51 14.68
CA GLU A 18 -3.22 -6.49 15.07
C GLU A 18 -2.44 -6.98 13.85
N ALA A 19 -3.14 -7.19 12.74
CA ALA A 19 -2.47 -7.58 11.50
C ALA A 19 -1.48 -6.52 11.05
N HIS A 20 -1.85 -5.25 11.18
CA HIS A 20 -0.93 -4.17 10.82
C HIS A 20 0.25 -4.11 11.77
N HIS A 21 0.02 -4.25 13.07
CA HIS A 21 1.12 -4.21 14.03
C HIS A 21 2.12 -5.33 13.78
N LYS A 22 1.65 -6.48 13.33
CA LYS A 22 2.54 -7.61 13.07
C LYS A 22 3.31 -7.46 11.76
N THR A 23 2.80 -6.68 10.81
CA THR A 23 3.44 -6.56 9.50
C THR A 23 4.10 -5.20 9.29
N TYR A 24 4.08 -4.32 10.27
CA TYR A 24 4.76 -3.03 10.17
C TYR A 24 5.65 -2.89 11.40
N ASP A 25 6.96 -2.92 11.17
CA ASP A 25 7.95 -2.83 12.24
C ASP A 25 8.41 -1.37 12.34
N ASP A 26 8.00 -0.69 13.40
CA ASP A 26 8.32 0.73 13.59
C ASP A 26 9.80 0.97 13.85
N SER A 27 10.59 -0.07 14.12
CA SER A 27 12.02 0.11 14.33
C SER A 27 12.79 0.19 13.03
N TYR A 28 12.23 -0.31 11.93
CA TYR A 28 12.89 -0.31 10.61
C TYR A 28 14.28 -0.94 10.68
N SER A 29 14.48 -1.86 11.62
CA SER A 29 15.79 -2.48 11.80
C SER A 29 16.17 -3.40 10.67
N ASP A 30 15.19 -3.88 9.87
CA ASP A 30 15.49 -4.69 8.72
C ASP A 30 16.08 -3.89 7.56
N PHE A 31 16.00 -2.56 7.60
CA PHE A 31 16.45 -1.73 6.50
C PHE A 31 17.95 -1.81 6.27
N VAL A 32 18.72 -2.21 7.28
CA VAL A 32 20.16 -2.31 7.10
C VAL A 32 20.54 -3.50 6.23
N ARG A 33 19.64 -4.47 6.07
CA ARG A 33 19.90 -5.60 5.18
C ARG A 33 19.55 -5.29 3.72
N PHE A 34 18.97 -4.13 3.44
CA PHE A 34 18.78 -3.72 2.06
C PHE A 34 20.13 -3.33 1.45
N ARG A 35 20.16 -3.24 0.13
CA ARG A 35 21.34 -2.67 -0.51
C ARG A 35 21.46 -1.20 -0.15
N PRO A 36 22.68 -0.72 0.09
CA PRO A 36 22.86 0.59 0.73
C PRO A 36 22.27 1.70 -0.12
N PRO A 37 21.71 2.73 0.51
CA PRO A 37 21.38 3.95 -0.24
C PRO A 37 22.64 4.63 -0.78
N VAL A 38 22.51 5.25 -1.95
CA VAL A 38 23.59 5.99 -2.58
C VAL A 38 23.01 7.29 -3.13
N ARG A 39 23.56 8.42 -2.72
CA ARG A 39 23.10 9.73 -3.17
C ARG A 39 24.22 10.50 -3.85
N ARG A 100 23.46 7.87 -12.41
CA ARG A 100 22.41 7.16 -13.12
C ARG A 100 21.69 6.17 -12.20
N LEU A 101 20.65 6.67 -11.54
CA LEU A 101 19.76 5.87 -10.70
C LEU A 101 20.53 5.17 -9.57
N SER A 102 21.19 5.97 -8.76
CA SER A 102 21.99 5.44 -7.65
C SER A 102 21.13 4.97 -6.49
N MET A 103 19.86 5.42 -6.43
CA MET A 103 18.97 4.99 -5.36
C MET A 103 18.09 3.80 -5.75
N LEU A 104 18.13 3.36 -7.01
CA LEU A 104 17.25 2.28 -7.43
C LEU A 104 17.49 0.97 -6.67
N PRO A 105 18.73 0.52 -6.43
CA PRO A 105 18.89 -0.73 -5.65
C PRO A 105 18.25 -0.69 -4.29
N HIS A 106 18.47 0.38 -3.51
CA HIS A 106 17.93 0.42 -2.15
C HIS A 106 16.41 0.53 -2.15
N LEU A 107 15.86 1.41 -3.00
CA LEU A 107 14.41 1.57 -3.03
C LEU A 107 13.70 0.35 -3.59
N ALA A 108 14.35 -0.38 -4.50
CA ALA A 108 13.77 -1.63 -4.97
C ALA A 108 13.70 -2.66 -3.84
N ASP A 109 14.77 -2.75 -3.04
CA ASP A 109 14.72 -3.64 -1.89
C ASP A 109 13.66 -3.20 -0.90
N LEU A 110 13.49 -1.89 -0.72
CA LEU A 110 12.49 -1.37 0.20
C LEU A 110 11.08 -1.76 -0.27
N VAL A 111 10.79 -1.54 -1.55
CA VAL A 111 9.47 -1.87 -2.07
C VAL A 111 9.25 -3.38 -2.05
N SER A 112 10.28 -4.15 -2.42
CA SER A 112 10.16 -5.61 -2.42
C SER A 112 9.87 -6.13 -1.02
N TYR A 113 10.61 -5.63 -0.03
CA TYR A 113 10.35 -5.99 1.36
C TYR A 113 8.95 -5.59 1.76
N SER A 114 8.49 -4.40 1.36
CA SER A 114 7.16 -3.94 1.76
C SER A 114 6.06 -4.78 1.12
N ILE A 115 6.29 -5.30 -0.08
CA ILE A 115 5.31 -6.18 -0.72
C ILE A 115 5.09 -7.43 0.13
N GLN A 116 6.17 -7.99 0.70
CA GLN A 116 6.05 -9.10 1.63
C GLN A 116 5.17 -8.76 2.82
N LYS A 117 5.38 -7.57 3.40
CA LYS A 117 4.58 -7.13 4.52
C LYS A 117 3.11 -6.97 4.12
N VAL A 118 2.87 -6.44 2.92
CA VAL A 118 1.49 -6.27 2.45
C VAL A 118 0.81 -7.63 2.30
N ILE A 119 1.55 -8.60 1.76
CA ILE A 119 1.04 -9.97 1.63
C ILE A 119 0.69 -10.53 3.00
N GLY A 120 1.58 -10.36 3.98
CA GLY A 120 1.28 -10.81 5.33
C GLY A 120 0.04 -10.15 5.89
N PHE A 121 -0.12 -8.84 5.66
CA PHE A 121 -1.30 -8.13 6.13
C PHE A 121 -2.56 -8.64 5.43
N ALA A 122 -2.46 -8.91 4.12
CA ALA A 122 -3.63 -9.31 3.35
C ALA A 122 -4.22 -10.62 3.86
N LYS A 123 -3.37 -11.59 4.20
CA LYS A 123 -3.84 -12.90 4.63
C LYS A 123 -4.50 -12.87 6.01
N MET A 124 -4.30 -11.81 6.79
CA MET A 124 -4.98 -11.65 8.07
C MET A 124 -6.23 -10.79 7.97
N ILE A 125 -6.60 -10.33 6.78
CA ILE A 125 -7.87 -9.65 6.57
C ILE A 125 -8.98 -10.70 6.58
N PRO A 126 -9.96 -10.59 7.47
CA PRO A 126 -11.03 -11.61 7.54
C PRO A 126 -11.76 -11.77 6.21
N GLY A 127 -11.77 -13.01 5.71
CA GLY A 127 -12.42 -13.34 4.46
C GLY A 127 -11.51 -13.40 3.26
N PHE A 128 -10.32 -12.79 3.34
CA PHE A 128 -9.42 -12.74 2.19
C PHE A 128 -8.94 -14.14 1.81
N ARG A 129 -8.44 -14.89 2.78
CA ARG A 129 -7.91 -16.22 2.50
C ARG A 129 -8.98 -17.20 2.04
N ASP A 130 -10.26 -16.87 2.23
CA ASP A 130 -11.33 -17.72 1.74
C ASP A 130 -11.55 -17.60 0.24
N LEU A 131 -10.95 -16.60 -0.40
CA LEU A 131 -11.07 -16.42 -1.85
C LEU A 131 -10.15 -17.40 -2.58
N THR A 132 -10.35 -17.49 -3.89
CA THR A 132 -9.45 -18.29 -4.72
C THR A 132 -8.05 -17.70 -4.68
N ALA A 133 -7.06 -18.57 -4.87
CA ALA A 133 -5.68 -18.10 -4.96
C ALA A 133 -5.51 -17.11 -6.11
N GLU A 134 -6.22 -17.36 -7.22
CA GLU A 134 -6.14 -16.46 -8.36
C GLU A 134 -6.70 -15.07 -8.02
N ASP A 135 -7.84 -15.02 -7.34
CA ASP A 135 -8.40 -13.73 -6.94
C ASP A 135 -7.52 -13.05 -5.91
N GLN A 136 -6.96 -13.81 -4.97
CA GLN A 136 -6.04 -13.23 -3.99
C GLN A 136 -4.86 -12.56 -4.68
N ILE A 137 -4.31 -13.21 -5.70
CA ILE A 137 -3.15 -12.65 -6.42
C ILE A 137 -3.58 -11.48 -7.29
N ALA A 138 -4.74 -11.59 -7.94
CA ALA A 138 -5.23 -10.52 -8.79
C ALA A 138 -5.44 -9.23 -8.00
N LEU A 139 -6.03 -9.33 -6.81
CA LEU A 139 -6.21 -8.15 -5.98
C LEU A 139 -4.86 -7.63 -5.46
N LEU A 140 -3.93 -8.52 -5.15
CA LEU A 140 -2.64 -8.09 -4.62
C LEU A 140 -1.80 -7.41 -5.70
N LYS A 141 -1.74 -8.00 -6.91
CA LYS A 141 -0.98 -7.40 -7.99
C LYS A 141 -1.51 -6.02 -8.35
N SER A 142 -2.84 -5.85 -8.36
CA SER A 142 -3.43 -4.61 -8.83
C SER A 142 -3.27 -3.47 -7.83
N SER A 143 -3.12 -3.77 -6.54
CA SER A 143 -3.17 -2.74 -5.51
C SER A 143 -1.92 -2.66 -4.65
N ALA A 144 -0.93 -3.52 -4.87
CA ALA A 144 0.24 -3.53 -4.00
C ALA A 144 0.90 -2.17 -3.91
N ILE A 145 1.03 -1.47 -5.04
CA ILE A 145 1.68 -0.16 -5.01
C ILE A 145 0.83 0.83 -4.24
N GLU A 146 -0.50 0.68 -4.28
CA GLU A 146 -1.38 1.59 -3.54
C GLU A 146 -1.27 1.36 -2.04
N ILE A 147 -1.23 0.09 -1.62
CA ILE A 147 -1.10 -0.21 -0.19
C ILE A 147 0.24 0.32 0.34
N ILE A 148 1.29 0.22 -0.47
CA ILE A 148 2.59 0.73 -0.07
C ILE A 148 2.57 2.24 0.09
N MET A 149 1.93 2.94 -0.85
CA MET A 149 1.78 4.39 -0.72
C MET A 149 0.94 4.76 0.49
N LEU A 150 -0.11 3.98 0.76
CA LEU A 150 -0.95 4.22 1.93
C LEU A 150 -0.15 4.00 3.22
N ARG A 151 0.46 2.82 3.36
CA ARG A 151 1.15 2.49 4.59
C ARG A 151 2.39 3.36 4.81
N SER A 152 2.92 3.98 3.74
CA SER A 152 4.13 4.80 3.87
C SER A 152 3.84 6.11 4.57
N ASN A 153 2.56 6.49 4.69
CA ASN A 153 2.23 7.74 5.37
C ASN A 153 2.63 7.70 6.83
N GLN A 154 2.76 6.52 7.42
CA GLN A 154 3.19 6.41 8.82
C GLN A 154 4.62 6.89 9.01
N SER A 155 5.47 6.75 7.99
CA SER A 155 6.83 7.28 8.07
C SER A 155 6.97 8.67 7.46
N PHE A 156 5.93 9.17 6.81
CA PHE A 156 5.98 10.49 6.20
C PHE A 156 5.83 11.56 7.27
N SER A 157 6.61 12.63 7.15
CA SER A 157 6.60 13.72 8.11
C SER A 157 6.42 15.05 7.38
N LEU A 158 5.47 15.85 7.84
CA LEU A 158 5.21 17.13 7.18
C LEU A 158 6.29 18.15 7.46
N GLU A 159 6.98 18.04 8.60
CA GLU A 159 8.03 19.00 8.93
C GLU A 159 9.15 18.96 7.89
N ASP A 160 9.55 17.76 7.46
CA ASP A 160 10.60 17.60 6.47
C ASP A 160 10.08 17.25 5.10
N MET A 161 8.77 16.99 4.95
CA MET A 161 8.17 16.60 3.69
C MET A 161 8.80 15.33 3.13
N SER A 162 9.25 14.43 4.02
CA SER A 162 10.01 13.26 3.64
C SER A 162 9.49 12.04 4.38
N TRP A 163 9.98 10.88 3.96
CA TRP A 163 9.71 9.62 4.65
C TRP A 163 10.91 9.31 5.54
N SER A 164 10.70 9.34 6.85
CA SER A 164 11.77 9.11 7.83
C SER A 164 11.58 7.75 8.47
N CYS A 165 12.49 6.83 8.19
CA CYS A 165 12.47 5.47 8.73
C CYS A 165 13.64 5.23 9.67
N GLY A 166 14.02 6.25 10.43
CA GLY A 166 15.17 6.14 11.31
C GLY A 166 16.19 7.23 11.04
N GLY A 167 17.45 6.84 10.87
CA GLY A 167 18.51 7.78 10.63
C GLY A 167 18.40 8.44 9.27
N PRO A 168 19.25 9.44 9.03
CA PRO A 168 19.21 10.15 7.74
C PRO A 168 19.52 9.26 6.53
N ASP A 169 20.22 8.13 6.73
CA ASP A 169 20.45 7.22 5.61
C ASP A 169 19.13 6.67 5.08
N PHE A 170 18.18 6.39 5.97
CA PHE A 170 16.87 5.87 5.60
C PHE A 170 15.79 6.95 5.62
N LYS A 171 16.18 8.20 5.41
CA LYS A 171 15.25 9.31 5.19
C LYS A 171 15.20 9.59 3.70
N TYR A 172 14.00 9.50 3.12
CA TYR A 172 13.82 9.59 1.67
C TYR A 172 13.07 10.87 1.33
N CYS A 173 13.74 11.76 0.60
CA CYS A 173 13.07 12.92 0.05
C CYS A 173 12.75 12.63 -1.42
N ILE A 174 12.21 13.65 -2.10
CA ILE A 174 11.70 13.45 -3.45
C ILE A 174 12.86 13.33 -4.45
N ASN A 175 13.99 13.97 -4.14
CA ASN A 175 15.15 13.82 -5.02
C ASN A 175 15.72 12.41 -4.98
N ASP A 176 15.64 11.74 -3.82
CA ASP A 176 16.09 10.36 -3.75
C ASP A 176 15.30 9.47 -4.70
N VAL A 177 14.00 9.74 -4.84
CA VAL A 177 13.17 8.90 -5.71
C VAL A 177 13.39 9.25 -7.18
N THR A 178 13.78 10.50 -7.48
CA THR A 178 14.20 10.82 -8.84
C THR A 178 15.41 10.00 -9.25
N LYS A 179 16.26 9.63 -8.28
CA LYS A 179 17.40 8.76 -8.51
C LYS A 179 17.02 7.28 -8.49
N ALA A 180 15.73 6.97 -8.57
CA ALA A 180 15.25 5.60 -8.76
C ALA A 180 14.54 5.43 -10.09
N GLY A 181 14.57 6.46 -10.94
CA GLY A 181 13.98 6.39 -12.26
C GLY A 181 12.60 7.00 -12.41
N HIS A 182 12.09 7.69 -11.39
CA HIS A 182 10.76 8.28 -11.43
C HIS A 182 10.84 9.80 -11.56
N THR A 183 9.78 10.37 -12.13
CA THR A 183 9.72 11.78 -12.45
C THR A 183 8.69 12.49 -11.56
N LEU A 184 8.60 13.81 -11.73
CA LEU A 184 7.72 14.61 -10.89
C LEU A 184 6.25 14.41 -11.24
N GLU A 185 5.95 13.96 -12.47
CA GLU A 185 4.57 13.65 -12.82
C GLU A 185 3.96 12.61 -11.90
N LEU A 186 4.79 11.78 -11.26
CA LEU A 186 4.35 10.86 -10.23
C LEU A 186 4.66 11.35 -8.83
N LEU A 187 5.84 11.93 -8.60
CA LEU A 187 6.32 12.17 -7.25
C LEU A 187 5.62 13.37 -6.63
N GLU A 188 5.33 14.38 -7.42
CA GLU A 188 4.68 15.56 -6.88
C GLU A 188 3.22 15.25 -6.51
N PRO A 189 2.46 14.55 -7.35
CA PRO A 189 1.14 14.08 -6.88
C PRO A 189 1.24 13.13 -5.69
N LEU A 190 2.29 12.32 -5.63
CA LEU A 190 2.47 11.41 -4.50
C LEU A 190 2.68 12.18 -3.20
N VAL A 191 3.53 13.20 -3.23
CA VAL A 191 3.76 14.01 -2.03
C VAL A 191 2.50 14.77 -1.64
N LYS A 192 1.79 15.32 -2.63
CA LYS A 192 0.53 16.01 -2.34
C LYS A 192 -0.47 15.04 -1.71
N PHE A 193 -0.50 13.80 -2.20
CA PHE A 193 -1.35 12.77 -1.60
C PHE A 193 -0.94 12.50 -0.16
N GLN A 194 0.36 12.45 0.11
CA GLN A 194 0.84 12.19 1.47
C GLN A 194 0.45 13.33 2.41
N VAL A 195 0.58 14.58 1.97
CA VAL A 195 0.23 15.71 2.83
C VAL A 195 -1.27 15.72 3.12
N GLY A 196 -2.09 15.56 2.08
CA GLY A 196 -3.53 15.53 2.30
C GLY A 196 -3.95 14.38 3.21
N LEU A 197 -3.29 13.23 3.06
CA LEU A 197 -3.57 12.11 3.95
C LEU A 197 -3.13 12.42 5.38
N LYS A 198 -1.98 13.07 5.53
CA LYS A 198 -1.49 13.42 6.86
C LYS A 198 -2.43 14.40 7.56
N LYS A 199 -2.94 15.38 6.81
CA LYS A 199 -3.78 16.41 7.40
C LYS A 199 -5.14 15.89 7.85
N LEU A 200 -5.57 14.72 7.36
CA LEU A 200 -6.81 14.14 7.84
C LEU A 200 -6.69 13.56 9.24
N LYS A 201 -5.46 13.33 9.71
CA LYS A 201 -5.18 12.88 11.08
C LYS A 201 -6.03 11.66 11.43
N LEU A 202 -5.89 10.62 10.61
CA LEU A 202 -6.67 9.41 10.79
C LEU A 202 -6.26 8.66 12.04
N HIS A 203 -7.23 8.05 12.71
CA HIS A 203 -6.94 7.05 13.73
C HIS A 203 -6.29 5.87 13.05
N GLU A 204 -5.51 5.10 13.81
CA GLU A 204 -4.89 3.90 13.24
C GLU A 204 -5.95 2.87 12.84
N GLU A 205 -7.09 2.87 13.53
CA GLU A 205 -8.20 2.01 13.11
C GLU A 205 -8.73 2.43 11.74
N GLU A 206 -8.84 3.74 11.51
CA GLU A 206 -9.26 4.23 10.19
C GLU A 206 -8.18 3.99 9.15
N HIS A 207 -6.90 4.06 9.55
CA HIS A 207 -5.81 3.83 8.62
C HIS A 207 -5.79 2.39 8.13
N VAL A 208 -5.98 1.42 9.02
CA VAL A 208 -5.91 0.02 8.60
C VAL A 208 -7.17 -0.40 7.85
N LEU A 209 -8.33 0.17 8.22
CA LEU A 209 -9.55 -0.11 7.47
C LEU A 209 -9.44 0.37 6.04
N LEU A 210 -8.84 1.55 5.84
CA LEU A 210 -8.69 2.08 4.49
C LEU A 210 -7.78 1.19 3.65
N MET A 211 -6.71 0.66 4.24
CA MET A 211 -5.82 -0.24 3.52
C MET A 211 -6.55 -1.53 3.14
N ALA A 212 -7.32 -2.09 4.08
CA ALA A 212 -8.09 -3.30 3.76
C ALA A 212 -9.13 -3.03 2.68
N ILE A 213 -9.79 -1.88 2.74
CA ILE A 213 -10.80 -1.55 1.74
C ILE A 213 -10.16 -1.36 0.36
N CYS A 214 -8.98 -0.74 0.32
CA CYS A 214 -8.27 -0.57 -0.94
C CYS A 214 -7.90 -1.92 -1.56
N LEU A 215 -7.53 -2.90 -0.72
CA LEU A 215 -7.07 -4.18 -1.24
C LEU A 215 -8.24 -5.03 -1.73
N LEU A 216 -9.42 -4.89 -1.11
CA LEU A 216 -10.57 -5.71 -1.46
C LEU A 216 -11.50 -5.01 -2.43
N SER A 217 -10.97 -4.25 -3.38
CA SER A 217 -11.77 -3.59 -4.38
C SER A 217 -12.17 -4.59 -5.44
N PRO A 218 -13.46 -4.80 -5.70
CA PRO A 218 -13.84 -5.75 -6.76
C PRO A 218 -13.47 -5.28 -8.16
N ASP A 219 -13.35 -3.96 -8.38
CA ASP A 219 -13.09 -3.43 -9.71
C ASP A 219 -11.60 -3.41 -10.02
N ARG A 220 -11.00 -4.61 -9.96
CA ARG A 220 -9.63 -4.80 -10.37
C ARG A 220 -9.56 -5.79 -11.53
N PRO A 221 -8.68 -5.58 -12.49
CA PRO A 221 -8.63 -6.50 -13.63
C PRO A 221 -8.15 -7.88 -13.19
N GLY A 222 -8.80 -8.91 -13.74
CA GLY A 222 -8.45 -10.27 -13.42
C GLY A 222 -9.21 -10.88 -12.27
N VAL A 223 -10.21 -10.19 -11.72
CA VAL A 223 -10.99 -10.70 -10.60
C VAL A 223 -12.16 -11.50 -11.15
N GLN A 224 -12.38 -12.69 -10.58
CA GLN A 224 -13.42 -13.60 -11.05
C GLN A 224 -14.65 -13.59 -10.14
N ASP A 225 -14.50 -13.91 -8.85
CA ASP A 225 -15.61 -13.91 -7.90
C ASP A 225 -15.83 -12.49 -7.40
N HIS A 226 -16.51 -11.72 -8.24
CA HIS A 226 -16.72 -10.30 -7.95
C HIS A 226 -17.67 -10.10 -6.77
N VAL A 227 -18.82 -10.78 -6.79
CA VAL A 227 -19.84 -10.57 -5.75
C VAL A 227 -19.29 -10.89 -4.36
N ARG A 228 -18.41 -11.88 -4.27
CA ARG A 228 -17.83 -12.25 -2.97
C ARG A 228 -16.89 -11.17 -2.47
N ILE A 229 -16.11 -10.55 -3.37
CA ILE A 229 -15.17 -9.52 -2.97
C ILE A 229 -15.89 -8.23 -2.61
N GLU A 230 -16.91 -7.86 -3.40
CA GLU A 230 -17.68 -6.65 -3.11
C GLU A 230 -18.39 -6.74 -1.76
N ALA A 231 -18.89 -7.94 -1.42
CA ALA A 231 -19.57 -8.09 -0.13
C ALA A 231 -18.62 -7.90 1.03
N LEU A 232 -17.39 -8.42 0.93
CA LEU A 232 -16.42 -8.22 1.99
C LEU A 232 -16.00 -6.77 2.09
N GLN A 233 -15.86 -6.10 0.94
CA GLN A 233 -15.51 -4.68 0.96
C GLN A 233 -16.61 -3.84 1.60
N ASP A 234 -17.87 -4.14 1.27
CA ASP A 234 -18.99 -3.41 1.89
C ASP A 234 -19.05 -3.69 3.38
N ARG A 235 -18.72 -4.91 3.80
CA ARG A 235 -18.67 -5.22 5.22
C ARG A 235 -17.65 -4.35 5.94
N LEU A 236 -16.53 -4.03 5.26
CA LEU A 236 -15.50 -3.20 5.87
C LEU A 236 -15.84 -1.72 5.80
N CYS A 237 -16.45 -1.28 4.70
CA CYS A 237 -16.92 0.11 4.62
C CYS A 237 -17.98 0.38 5.67
N ASP A 238 -18.83 -0.60 5.96
CA ASP A 238 -19.84 -0.40 7.00
C ASP A 238 -19.19 -0.27 8.38
N VAL A 239 -18.15 -1.06 8.64
CA VAL A 239 -17.43 -0.92 9.90
C VAL A 239 -16.76 0.45 9.98
N LEU A 240 -16.12 0.87 8.89
CA LEU A 240 -15.43 2.17 8.88
C LEU A 240 -16.41 3.31 9.07
N GLN A 241 -17.55 3.27 8.36
CA GLN A 241 -18.55 4.32 8.53
C GLN A 241 -19.06 4.40 9.96
N ALA A 242 -19.31 3.26 10.58
CA ALA A 242 -19.80 3.27 11.96
C ALA A 242 -18.72 3.78 12.92
N TYR A 243 -17.47 3.42 12.67
CA TYR A 243 -16.37 3.89 13.52
C TYR A 243 -16.27 5.41 13.45
N ILE A 244 -16.32 5.98 12.24
CA ILE A 244 -16.23 7.43 12.09
C ILE A 244 -17.41 8.12 12.77
N ARG A 245 -18.62 7.60 12.57
CA ARG A 245 -19.81 8.22 13.17
C ARG A 245 -19.68 8.27 14.69
N ILE A 246 -19.16 7.21 15.30
CA ILE A 246 -19.04 7.15 16.75
C ILE A 246 -17.90 8.04 17.25
N GLN A 247 -16.73 7.92 16.61
CA GLN A 247 -15.52 8.59 17.08
C GLN A 247 -15.47 10.07 16.71
N HIS A 248 -16.32 10.53 15.81
CA HIS A 248 -16.16 11.88 15.28
C HIS A 248 -17.49 12.61 15.26
N PRO A 249 -17.46 13.95 15.31
CA PRO A 249 -18.68 14.73 15.06
C PRO A 249 -19.07 14.62 13.60
N GLY A 250 -20.36 14.50 13.35
CA GLY A 250 -20.80 14.22 11.99
C GLY A 250 -20.29 12.86 11.53
N GLY A 251 -19.70 12.83 10.35
CA GLY A 251 -19.11 11.60 9.87
C GLY A 251 -19.04 11.46 8.35
N ARG A 252 -20.11 11.88 7.66
CA ARG A 252 -20.19 11.65 6.22
C ARG A 252 -19.07 12.36 5.47
N LEU A 253 -18.63 13.52 5.96
CA LEU A 253 -17.60 14.27 5.25
C LEU A 253 -16.26 13.54 5.25
N LEU A 254 -15.83 13.08 6.43
CA LEU A 254 -14.52 12.42 6.52
C LEU A 254 -14.51 11.13 5.72
N TYR A 255 -15.58 10.34 5.81
CA TYR A 255 -15.66 9.10 5.04
C TYR A 255 -15.58 9.38 3.54
N ALA A 256 -16.16 10.50 3.10
CA ALA A 256 -16.13 10.82 1.67
C ALA A 256 -14.71 11.11 1.19
N LYS A 257 -13.91 11.83 1.98
CA LYS A 257 -12.55 12.15 1.56
C LYS A 257 -11.63 10.94 1.62
N MET A 258 -11.86 10.03 2.57
CA MET A 258 -11.09 8.79 2.59
C MET A 258 -11.34 7.99 1.31
N ILE A 259 -12.59 7.94 0.86
CA ILE A 259 -12.92 7.29 -0.41
C ILE A 259 -12.25 8.02 -1.56
N GLN A 260 -12.21 9.36 -1.50
CA GLN A 260 -11.55 10.14 -2.53
C GLN A 260 -10.05 9.84 -2.57
N LYS A 261 -9.44 9.62 -1.40
CA LYS A 261 -8.04 9.24 -1.38
C LYS A 261 -7.80 7.94 -2.13
N LEU A 262 -8.77 7.03 -2.13
CA LEU A 262 -8.64 5.81 -2.92
C LEU A 262 -8.74 6.11 -4.41
N ALA A 263 -9.51 7.12 -4.79
CA ALA A 263 -9.51 7.57 -6.19
C ALA A 263 -8.16 8.19 -6.55
N ASP A 264 -7.57 8.96 -5.64
CA ASP A 264 -6.23 9.50 -5.89
C ASP A 264 -5.21 8.39 -6.07
N LEU A 265 -5.32 7.32 -5.29
CA LEU A 265 -4.37 6.22 -5.40
C LEU A 265 -4.49 5.51 -6.74
N ARG A 266 -5.69 5.48 -7.33
CA ARG A 266 -5.85 4.86 -8.65
C ARG A 266 -5.02 5.58 -9.71
N SER A 267 -5.06 6.91 -9.71
CA SER A 267 -4.27 7.66 -10.70
C SER A 267 -2.78 7.61 -10.38
N LEU A 268 -2.42 7.56 -9.11
CA LEU A 268 -1.01 7.38 -8.74
C LEU A 268 -0.50 6.03 -9.22
N ASN A 269 -1.28 4.97 -9.02
CA ASN A 269 -0.94 3.66 -9.56
C ASN A 269 -0.74 3.74 -11.08
N GLU A 270 -1.70 4.35 -11.78
CA GLU A 270 -1.62 4.48 -13.22
C GLU A 270 -0.31 5.12 -13.65
N GLU A 271 0.09 6.21 -12.98
CA GLU A 271 1.31 6.90 -13.36
C GLU A 271 2.54 6.07 -13.02
N HIS A 272 2.53 5.39 -11.88
CA HIS A 272 3.66 4.54 -11.52
C HIS A 272 3.81 3.36 -12.48
N SER A 273 2.70 2.76 -12.89
CA SER A 273 2.79 1.62 -13.81
C SER A 273 3.42 2.02 -15.13
N LYS A 274 3.12 3.22 -15.62
CA LYS A 274 3.76 3.70 -16.85
C LYS A 274 5.26 3.86 -16.65
N GLN A 275 5.66 4.54 -15.58
CA GLN A 275 7.09 4.76 -15.34
C GLN A 275 7.82 3.47 -15.01
N TYR A 276 7.17 2.53 -14.31
CA TYR A 276 7.81 1.25 -14.04
C TYR A 276 8.03 0.46 -15.33
N ARG A 277 7.06 0.49 -16.25
CA ARG A 277 7.22 -0.25 -17.49
C ARG A 277 8.41 0.29 -18.30
N SER A 278 8.62 1.60 -18.29
CA SER A 278 9.80 2.15 -18.97
C SER A 278 11.09 1.69 -18.29
N LEU A 279 11.09 1.66 -16.96
CA LEU A 279 12.29 1.26 -16.24
C LEU A 279 12.58 -0.22 -16.42
N SER A 280 11.54 -1.06 -16.33
CA SER A 280 11.73 -2.51 -16.37
C SER A 280 12.14 -3.01 -17.75
N PHE A 281 11.94 -2.22 -18.80
CA PHE A 281 12.36 -2.61 -20.15
C PHE A 281 13.75 -2.13 -20.51
N GLN A 282 14.47 -1.49 -19.58
CA GLN A 282 15.85 -1.15 -19.80
C GLN A 282 16.72 -2.11 -18.99
N PRO A 283 17.49 -2.98 -19.64
CA PRO A 283 18.20 -4.04 -18.89
C PRO A 283 19.07 -3.55 -17.76
N GLU A 284 19.73 -2.41 -17.93
CA GLU A 284 20.63 -1.90 -16.89
C GLU A 284 19.88 -1.49 -15.63
N HIS A 285 18.60 -1.12 -15.76
CA HIS A 285 17.79 -0.82 -14.60
C HIS A 285 17.00 -2.03 -14.13
N SER A 286 16.48 -2.83 -15.06
CA SER A 286 15.69 -4.01 -14.69
C SER A 286 16.48 -4.98 -13.83
N MET A 287 17.79 -5.08 -14.08
CA MET A 287 18.60 -6.01 -13.28
C MET A 287 18.83 -5.52 -11.86
N GLN A 288 18.56 -4.25 -11.57
CA GLN A 288 18.64 -3.72 -10.21
C GLN A 288 17.36 -3.94 -9.41
N LEU A 289 16.32 -4.47 -10.04
CA LEU A 289 15.06 -4.77 -9.34
C LEU A 289 15.23 -6.08 -8.58
N THR A 290 14.14 -6.58 -8.01
CA THR A 290 14.13 -7.84 -7.30
C THR A 290 13.14 -8.79 -7.95
N PRO A 291 13.30 -10.10 -7.76
CA PRO A 291 12.35 -11.03 -8.38
C PRO A 291 10.90 -10.78 -7.97
N LEU A 292 10.64 -10.47 -6.69
CA LEU A 292 9.27 -10.25 -6.25
C LEU A 292 8.67 -8.99 -6.89
N VAL A 293 9.48 -7.93 -7.04
CA VAL A 293 9.01 -6.72 -7.69
C VAL A 293 8.62 -7.00 -9.14
N LEU A 294 9.45 -7.75 -9.87
CA LEU A 294 9.14 -8.07 -11.26
C LEU A 294 7.87 -8.91 -11.36
N GLU A 295 7.66 -9.83 -10.41
CA GLU A 295 6.43 -10.60 -10.41
C GLU A 295 5.23 -9.72 -10.13
N VAL A 296 5.31 -8.88 -9.10
CA VAL A 296 4.15 -8.14 -8.62
C VAL A 296 3.79 -7.00 -9.56
N PHE A 297 4.79 -6.21 -9.96
CA PHE A 297 4.55 -5.06 -10.81
C PHE A 297 4.59 -5.38 -12.29
N GLY A 298 5.00 -6.58 -12.67
CA GLY A 298 5.14 -6.94 -14.06
C GLY A 298 3.80 -7.15 -14.73
N SER A 299 3.87 -7.41 -16.03
CA SER A 299 2.69 -7.54 -16.88
C SER A 299 2.29 -8.99 -17.13
N GLU A 300 2.99 -9.96 -16.54
CA GLU A 300 2.73 -11.36 -16.83
C GLU A 300 1.45 -11.82 -16.12
N VAL A 301 1.02 -13.03 -16.48
CA VAL A 301 -0.22 -13.60 -15.96
C VAL A 301 0.05 -14.99 -15.38
N ARG B 1 6.02 -13.38 -14.14
CA ARG B 1 5.94 -14.76 -13.66
C ARG B 1 5.35 -14.78 -12.26
N HIS B 2 4.55 -15.81 -11.97
CA HIS B 2 3.92 -15.95 -10.66
C HIS B 2 4.41 -17.18 -9.91
N LYS B 3 5.67 -17.57 -10.14
CA LYS B 3 6.24 -18.70 -9.42
C LYS B 3 6.42 -18.38 -7.95
N ILE B 4 6.97 -17.20 -7.64
CA ILE B 4 7.15 -16.81 -6.24
C ILE B 4 5.80 -16.54 -5.59
N LEU B 5 4.91 -15.84 -6.29
CA LEU B 5 3.62 -15.49 -5.71
C LEU B 5 2.75 -16.72 -5.45
N OUR B 6 3.18 -17.92 -5.91
CA OUR B 6 2.32 -19.07 -5.63
C OUR B 6 3.62 -19.40 -2.77
O OUR B 6 2.53 -19.84 -2.42
CB OUR B 6 1.48 -19.71 -6.73
CG OUR B 6 0.54 -18.70 -7.35
CD OUR B 6 -0.35 -19.39 -8.38
NE OUR B 6 -1.14 -20.40 -7.64
CZ OUR B 6 -2.33 -20.88 -8.00
NH1 OUR B 6 -2.92 -20.43 -9.12
NH2 OUR B 6 -2.96 -21.79 -7.23
CM OUR B 6 3.26 -20.16 -5.14
N2 OUR B 6 4.00 -19.55 -4.04
CA UIL B 7 4.42 -18.48 -0.62
C UIL B 7 1.81 -16.74 -0.90
O UIL B 7 1.45 -17.25 0.15
CB UIL B 7 5.45 -16.20 -0.86
CG UIL B 7 5.15 -14.72 -0.65
CD1 UIL B 7 4.87 -14.46 0.83
CD2 UIL B 7 6.33 -13.87 -1.13
C1 UIL B 7 4.21 -16.97 -0.43
N UIL B 7 4.56 -18.79 -2.04
N2 UIL B 7 3.08 -16.53 -1.25
CA URL B 8 -0.55 -16.46 -1.64
C URL B 8 -0.65 -19.94 -1.01
O URL B 8 -1.84 -20.22 -1.06
CB URL B 8 -1.32 -15.34 -2.33
C2 URL B 8 -0.90 -17.80 -2.29
N URL B 8 0.90 -16.28 -1.79
N2 URL B 8 -0.13 -18.85 -1.59
C1 URL B 8 -1.00 -14.00 -1.69
C3 URL B 8 -1.76 -12.89 -2.40
C4 URL B 8 -1.49 -14.02 -0.23
N GLN B 9 0.31 -20.68 -0.43
CA GLN B 9 0.16 -21.94 0.29
C GLN B 9 -0.48 -23.00 -0.60
O2 VDX C . 6.85 3.62 5.70
O3 VDX C . 9.08 1.85 -9.20
C1 VDX C . 6.54 1.54 3.65
C2 VDX C . 7.33 1.46 5.01
C3 VDX C . 7.93 2.71 5.42
C4 VDX C . 8.85 3.32 4.30
C5 VDX C . 8.13 3.46 2.97
C6 VDX C . 8.24 4.56 2.14
C7 VDX C . 7.56 4.61 0.73
C8 VDX C . 8.09 5.49 -0.16
C9 VDX C . 9.33 6.31 0.07
C10 VDX C . 7.36 2.11 2.51
C11 VDX C . 10.30 6.36 -1.11
C12 VDX C . 9.77 6.29 -2.46
C13 VDX C . 8.45 5.38 -2.59
C14 VDX C . 7.53 5.72 -1.59
C15 VDX C . 6.32 4.74 -1.88
C16 VDX C . 6.40 4.61 -3.52
C17 VDX C . 7.48 5.42 -3.90
C18 VDX C . 8.89 3.93 -2.41
C19 VDX C . 7.77 1.33 1.49
C20 VDX C . 8.18 4.96 -5.19
C21 VDX C . 7.66 5.83 -6.32
C22 VDX C . 7.90 3.49 -5.58
C23 VDX C . 8.75 3.16 -6.85
C24 VDX C . 9.35 1.71 -6.79
C25 VDX C . 9.91 1.32 -8.20
C26 VDX C . 11.34 1.87 -8.38
C27 VDX C . 9.94 -0.20 -8.35
O1 VDX C . 6.11 0.24 3.32
C ACT D . 7.66 -2.30 7.71
O ACT D . 8.03 -3.15 8.56
OXT ACT D . 6.93 -2.74 6.81
CH3 ACT D . 8.06 -0.85 7.80
#